data_3BBJ
#
_entry.id   3BBJ
#
_cell.length_a   99.818
_cell.length_b   103.654
_cell.length_c   54.734
_cell.angle_alpha   90.000
_cell.angle_beta   90.000
_cell.angle_gamma   90.000
#
_symmetry.space_group_name_H-M   'P 21 21 2'
#
loop_
_entity.id
_entity.type
_entity.pdbx_description
1 polymer 'Putative thioesterase II'
2 non-polymer 'SULFATE ION'
3 non-polymer 'CHLORIDE ION'
4 non-polymer 1,2-ETHANEDIOL
5 water water
#
_entity_poly.entity_id   1
_entity_poly.type   'polypeptide(L)'
_entity_poly.pdbx_seq_one_letter_code
;G(MSE)VP(MSE)TRFDSATEVVRVGENRYAVELDPGYLIGTA(MSE)NGGYL(MSE)TVLQRSALAESDHLHAVSSSYH
FHRPASSGPAEIETRVLKRGRTVTTVQTTLFQEGRTILTGTLATATLDPHAEPRYAAPQPAIPPQHQCRRVDPRQSHLPD
DGFLARVDVDFSPDSYAALARERTVTTPELCGYVDLSARDGGSAKDPLAFLPLAVDALPPIVSLLVDWSWAPTVELTWHL
RAIPEPGPLAFRSTCALVSDGWFDENVDLWDARGRLVAQSRQLARVGR
;
_entity_poly.pdbx_strand_id   A,B
#
loop_
_chem_comp.id
_chem_comp.type
_chem_comp.name
_chem_comp.formula
CL non-polymer 'CHLORIDE ION' 'Cl -1'
EDO non-polymer 1,2-ETHANEDIOL 'C2 H6 O2'
SO4 non-polymer 'SULFATE ION' 'O4 S -2'
#
# COMPACT_ATOMS: atom_id res chain seq x y z
N MSE A 5 16.92 19.69 -21.04
CA MSE A 5 16.57 19.31 -19.64
C MSE A 5 15.27 20.00 -19.18
O MSE A 5 14.97 21.10 -19.62
CB MSE A 5 17.73 19.68 -18.70
N THR A 6 14.49 19.29 -18.36
CA THR A 6 13.36 19.87 -17.63
C THR A 6 13.87 20.12 -16.22
N ARG A 7 13.25 21.06 -15.51
CA ARG A 7 13.62 21.36 -14.11
C ARG A 7 13.70 20.09 -13.22
N PHE A 8 12.75 19.19 -13.41
CA PHE A 8 12.69 17.90 -12.71
C PHE A 8 13.94 17.06 -12.89
N ASP A 9 14.42 16.96 -14.14
CA ASP A 9 15.65 16.19 -14.42
C ASP A 9 16.82 16.70 -13.57
N SER A 10 16.98 18.01 -13.52
CA SER A 10 18.03 18.64 -12.73
C SER A 10 17.77 18.51 -11.23
N ALA A 11 16.54 18.83 -10.83
CA ALA A 11 16.13 18.80 -9.43
C ALA A 11 16.22 17.42 -8.75
N THR A 12 16.09 16.34 -9.52
CA THR A 12 16.01 15.00 -8.94
C THR A 12 17.27 14.15 -9.11
N GLU A 13 18.34 14.71 -9.66
CA GLU A 13 19.55 13.91 -9.87
C GLU A 13 20.21 13.58 -8.53
N VAL A 14 20.67 12.34 -8.39
CA VAL A 14 21.34 11.89 -7.17
C VAL A 14 22.73 11.40 -7.56
N VAL A 15 23.74 11.80 -6.80
CA VAL A 15 25.12 11.46 -7.13
C VAL A 15 25.66 10.46 -6.15
N ARG A 16 26.28 9.43 -6.70
CA ARG A 16 26.92 8.37 -5.93
C ARG A 16 28.20 8.94 -5.27
N VAL A 17 28.15 9.05 -3.94
CA VAL A 17 29.23 9.61 -3.13
C VAL A 17 30.14 8.56 -2.45
N GLY A 18 29.65 7.33 -2.36
CA GLY A 18 30.37 6.22 -1.72
C GLY A 18 29.54 4.96 -1.86
N GLU A 19 30.01 3.84 -1.32
CA GLU A 19 29.28 2.61 -1.50
C GLU A 19 28.04 2.60 -0.60
N ASN A 20 26.88 2.41 -1.25
CA ASN A 20 25.56 2.49 -0.63
C ASN A 20 25.25 3.90 -0.10
N ARG A 21 25.86 4.91 -0.72
CA ARG A 21 25.77 6.30 -0.27
C ARG A 21 25.68 7.30 -1.44
N TYR A 22 24.68 8.17 -1.35
CA TYR A 22 24.38 9.14 -2.41
C TYR A 22 24.12 10.50 -1.83
N ALA A 23 24.33 11.53 -2.64
CA ALA A 23 24.09 12.91 -2.25
C ALA A 23 23.02 13.47 -3.17
N VAL A 24 22.19 14.35 -2.63
CA VAL A 24 21.12 14.98 -3.39
C VAL A 24 20.93 16.42 -2.90
N GLU A 25 20.48 17.31 -3.78
CA GLU A 25 20.11 18.68 -3.43
C GLU A 25 18.60 18.86 -3.54
N LEU A 26 17.94 19.14 -2.43
CA LEU A 26 16.49 19.31 -2.45
C LEU A 26 16.16 20.70 -2.97
N ASP A 27 15.42 20.72 -4.07
CA ASP A 27 15.09 21.93 -4.78
C ASP A 27 13.90 22.61 -4.09
N PRO A 28 14.12 23.83 -3.59
CA PRO A 28 13.07 24.54 -2.83
C PRO A 28 11.81 24.88 -3.66
N GLY A 29 11.93 24.76 -4.98
CA GLY A 29 10.77 24.90 -5.87
C GLY A 29 9.69 23.85 -5.65
N TYR A 30 10.04 22.77 -4.94
CA TYR A 30 9.10 21.68 -4.65
C TYR A 30 8.56 21.76 -3.23
N LEU A 31 8.75 22.92 -2.60
CA LEU A 31 8.25 23.14 -1.24
C LEU A 31 6.77 23.38 -1.35
N ILE A 32 6.04 22.84 -0.38
CA ILE A 32 4.62 23.06 -0.26
C ILE A 32 4.33 23.92 1.00
N GLY A 33 5.21 24.84 1.32
CA GLY A 33 5.20 25.52 2.60
C GLY A 33 6.62 25.45 3.12
N THR A 34 6.80 24.96 4.35
CA THR A 34 8.15 24.82 4.92
C THR A 34 8.76 23.43 4.66
N ALA A 35 7.92 22.48 4.25
CA ALA A 35 8.38 21.12 3.97
C ALA A 35 8.38 20.83 2.47
N MSE A 36 9.27 19.96 2.05
CA MSE A 36 9.27 19.45 0.68
C MSE A 36 8.11 18.50 0.41
O MSE A 36 7.71 17.70 1.25
CB MSE A 36 10.55 18.70 0.43
CG MSE A 36 11.76 19.57 0.46
SE MSE A 36 11.88 20.47 -1.21
CE MSE A 36 13.04 21.76 -0.66
N ASN A 37 7.56 18.59 -0.80
CA ASN A 37 6.54 17.63 -1.25
C ASN A 37 7.10 16.18 -1.14
N GLY A 38 6.26 15.27 -0.64
CA GLY A 38 6.64 13.88 -0.41
C GLY A 38 7.03 13.13 -1.69
N GLY A 39 6.25 13.34 -2.75
CA GLY A 39 6.52 12.69 -4.03
C GLY A 39 7.87 13.03 -4.62
N TYR A 40 8.33 14.25 -4.38
CA TYR A 40 9.65 14.66 -4.84
C TYR A 40 10.75 13.88 -4.13
N LEU A 41 10.59 13.66 -2.83
CA LEU A 41 11.54 12.89 -2.03
C LEU A 41 11.51 11.41 -2.43
N MSE A 42 10.34 10.95 -2.88
CA MSE A 42 10.22 9.59 -3.39
C MSE A 42 11.00 9.37 -4.68
O MSE A 42 11.68 8.36 -4.86
CB MSE A 42 8.75 9.21 -3.59
CG MSE A 42 8.07 8.81 -2.24
SE MSE A 42 6.13 8.78 -2.25
CE MSE A 42 5.84 8.05 -4.02
N THR A 43 10.93 10.36 -5.57
CA THR A 43 11.58 10.36 -6.87
C THR A 43 13.08 10.20 -6.73
N VAL A 44 13.63 10.93 -5.76
CA VAL A 44 15.05 10.91 -5.45
C VAL A 44 15.45 9.56 -4.85
N LEU A 45 14.63 9.04 -3.94
CA LEU A 45 14.92 7.75 -3.33
C LEU A 45 14.77 6.65 -4.37
N GLN A 46 13.79 6.77 -5.26
CA GLN A 46 13.63 5.77 -6.31
C GLN A 46 14.91 5.66 -7.12
N ARG A 47 15.52 6.80 -7.43
CA ARG A 47 16.75 6.85 -8.24
C ARG A 47 17.89 6.11 -7.57
N SER A 48 18.03 6.32 -6.27
CA SER A 48 19.05 5.66 -5.50
C SER A 48 18.89 4.15 -5.55
N ALA A 49 17.65 3.69 -5.50
CA ALA A 49 17.37 2.26 -5.43
C ALA A 49 17.66 1.55 -6.74
N LEU A 50 17.28 2.16 -7.85
CA LEU A 50 17.51 1.56 -9.16
C LEU A 50 18.98 1.60 -9.55
N ALA A 51 19.72 2.56 -9.00
CA ALA A 51 21.17 2.63 -9.22
C ALA A 51 21.84 1.42 -8.58
N GLU A 52 21.25 0.91 -7.51
CA GLU A 52 21.79 -0.24 -6.78
C GLU A 52 21.27 -1.58 -7.27
N SER A 53 20.41 -1.56 -8.30
CA SER A 53 19.72 -2.76 -8.73
C SER A 53 20.08 -3.20 -10.13
N ASP A 54 19.95 -4.51 -10.35
CA ASP A 54 20.18 -5.14 -11.64
C ASP A 54 18.91 -5.15 -12.50
N HIS A 55 17.80 -4.69 -11.94
CA HIS A 55 16.54 -4.60 -12.66
C HIS A 55 16.20 -3.14 -12.92
N LEU A 56 15.39 -2.91 -13.95
CA LEU A 56 15.16 -1.57 -14.47
C LEU A 56 14.07 -0.75 -13.77
N HIS A 57 13.10 -1.42 -13.14
CA HIS A 57 11.88 -0.73 -12.66
C HIS A 57 11.51 -0.95 -11.23
N ALA A 58 10.89 0.07 -10.66
CA ALA A 58 10.37 0.05 -9.30
C ALA A 58 8.92 -0.43 -9.37
N VAL A 59 8.72 -1.73 -9.09
CA VAL A 59 7.42 -2.36 -9.26
C VAL A 59 6.50 -2.22 -8.04
N SER A 60 7.08 -2.31 -6.84
CA SER A 60 6.34 -1.96 -5.62
C SER A 60 7.25 -1.15 -4.73
N SER A 61 6.77 0.01 -4.31
CA SER A 61 7.52 0.92 -3.47
C SER A 61 6.68 1.34 -2.27
N SER A 62 7.17 1.06 -1.07
CA SER A 62 6.55 1.45 0.20
C SER A 62 7.45 2.42 0.94
N TYR A 63 6.86 3.57 1.29
CA TYR A 63 7.60 4.63 1.93
C TYR A 63 6.96 5.02 3.26
N HIS A 64 7.79 5.17 4.29
CA HIS A 64 7.36 5.65 5.60
C HIS A 64 8.03 6.98 5.87
N PHE A 65 7.22 8.01 6.17
CA PHE A 65 7.67 9.40 6.33
C PHE A 65 7.82 9.71 7.80
N HIS A 66 9.00 10.11 8.21
CA HIS A 66 9.29 10.34 9.63
C HIS A 66 9.22 11.80 10.01
N ARG A 67 9.85 12.64 9.18
CA ARG A 67 9.97 14.08 9.40
C ARG A 67 9.99 14.85 8.09
N PRO A 68 9.59 16.14 8.15
CA PRO A 68 9.67 16.99 6.95
C PRO A 68 11.11 17.31 6.60
N ALA A 69 11.39 17.43 5.31
CA ALA A 69 12.67 17.94 4.83
C ALA A 69 12.51 19.37 4.31
N SER A 70 13.62 20.09 4.26
CA SER A 70 13.66 21.43 3.71
C SER A 70 14.65 21.46 2.53
N SER A 71 14.78 22.61 1.89
CA SER A 71 15.71 22.72 0.77
C SER A 71 17.18 22.58 1.19
N GLY A 72 18.01 22.32 0.18
CA GLY A 72 19.43 22.16 0.36
C GLY A 72 19.87 20.71 0.30
N PRO A 73 21.10 20.43 0.74
CA PRO A 73 21.61 19.07 0.69
C PRO A 73 20.93 18.08 1.62
N ALA A 74 20.87 16.83 1.14
CA ALA A 74 20.36 15.70 1.90
C ALA A 74 21.20 14.51 1.45
N GLU A 75 21.31 13.48 2.29
CA GLU A 75 22.15 12.33 1.97
C GLU A 75 21.36 11.02 2.04
N ILE A 76 21.68 10.11 1.13
CA ILE A 76 20.97 8.86 0.96
C ILE A 76 21.84 7.62 1.24
N GLU A 77 21.26 6.70 2.00
CA GLU A 77 21.94 5.51 2.48
C GLU A 77 21.13 4.29 2.02
N THR A 78 21.69 3.49 1.11
CA THR A 78 20.98 2.35 0.50
C THR A 78 21.44 0.97 0.98
N ARG A 79 20.58 -0.03 0.75
CA ARG A 79 20.86 -1.40 1.18
C ARG A 79 20.02 -2.40 0.40
N VAL A 80 20.68 -3.34 -0.27
CA VAL A 80 20.00 -4.37 -1.05
C VAL A 80 19.58 -5.40 -0.04
N LEU A 81 18.30 -5.72 -0.02
CA LEU A 81 17.79 -6.70 0.95
C LEU A 81 17.76 -8.11 0.37
N LYS A 82 17.58 -8.21 -0.94
CA LYS A 82 17.45 -9.49 -1.59
C LYS A 82 17.64 -9.26 -3.08
N ARG A 83 18.44 -10.12 -3.69
CA ARG A 83 18.73 -10.04 -5.11
C ARG A 83 18.16 -11.29 -5.75
N GLY A 84 17.52 -11.15 -6.91
CA GLY A 84 16.89 -12.29 -7.54
C GLY A 84 16.81 -12.17 -9.04
N ARG A 85 16.52 -13.27 -9.70
CA ARG A 85 16.42 -13.28 -11.15
C ARG A 85 15.26 -12.42 -11.63
N THR A 86 14.19 -12.33 -10.85
CA THR A 86 13.01 -11.57 -11.24
C THR A 86 12.85 -10.31 -10.41
N VAL A 87 13.01 -10.41 -9.08
CA VAL A 87 12.84 -9.26 -8.16
C VAL A 87 14.07 -9.01 -7.28
N THR A 88 14.54 -7.75 -7.26
CA THR A 88 15.64 -7.31 -6.37
C THR A 88 15.13 -6.17 -5.49
N THR A 89 15.23 -6.36 -4.19
CA THR A 89 14.65 -5.43 -3.24
C THR A 89 15.70 -4.59 -2.52
N VAL A 90 15.53 -3.27 -2.61
CA VAL A 90 16.45 -2.27 -2.08
C VAL A 90 15.78 -1.35 -1.03
N GLN A 91 16.45 -1.18 0.09
CA GLN A 91 16.04 -0.24 1.12
C GLN A 91 16.88 1.04 0.94
N THR A 92 16.19 2.17 0.98
CA THR A 92 16.82 3.47 0.76
C THR A 92 16.24 4.46 1.77
N THR A 93 17.13 5.16 2.47
CA THR A 93 16.74 6.09 3.52
C THR A 93 17.36 7.49 3.28
N LEU A 94 16.53 8.52 3.43
CA LEU A 94 16.97 9.90 3.24
C LEU A 94 17.25 10.58 4.58
N PHE A 95 18.42 11.23 4.65
CA PHE A 95 18.85 11.95 5.84
C PHE A 95 19.08 13.42 5.53
N GLN A 96 18.82 14.26 6.52
CA GLN A 96 19.05 15.70 6.39
C GLN A 96 19.25 16.28 7.78
N GLU A 97 20.39 16.96 7.96
CA GLU A 97 20.78 17.56 9.24
C GLU A 97 20.78 16.52 10.33
N GLY A 98 21.42 15.40 10.04
CA GLY A 98 21.59 14.32 10.98
C GLY A 98 20.33 13.58 11.42
N ARG A 99 19.23 13.78 10.70
CA ARG A 99 17.96 13.14 11.07
C ARG A 99 17.35 12.41 9.88
N THR A 100 16.73 11.26 10.15
CA THR A 100 16.07 10.51 9.08
C THR A 100 14.75 11.20 8.69
N ILE A 101 14.56 11.38 7.39
CA ILE A 101 13.39 12.04 6.87
C ILE A 101 12.31 11.01 6.48
N LEU A 102 12.75 10.05 5.68
CA LEU A 102 11.90 9.14 4.97
C LEU A 102 12.66 7.87 4.64
N THR A 103 11.98 6.72 4.72
CA THR A 103 12.55 5.46 4.25
C THR A 103 11.60 4.77 3.28
N GLY A 104 12.19 4.19 2.23
CA GLY A 104 11.47 3.43 1.23
C GLY A 104 12.07 2.05 1.05
N THR A 105 11.22 1.07 0.72
CA THR A 105 11.70 -0.25 0.32
C THR A 105 11.04 -0.48 -1.02
N LEU A 106 11.83 -0.88 -2.01
CA LEU A 106 11.36 -1.00 -3.36
C LEU A 106 11.66 -2.35 -3.93
N ALA A 107 10.60 -3.02 -4.39
CA ALA A 107 10.73 -4.26 -5.12
C ALA A 107 10.98 -3.82 -6.54
N THR A 108 12.19 -4.10 -7.06
CA THR A 108 12.53 -3.76 -8.43
C THR A 108 12.54 -5.02 -9.27
N ALA A 109 12.08 -4.86 -10.50
CA ALA A 109 12.03 -5.95 -11.48
C ALA A 109 12.10 -5.28 -12.87
N THR A 110 12.06 -6.07 -13.92
CA THR A 110 12.08 -5.53 -15.27
C THR A 110 10.82 -5.95 -15.98
N LEU A 111 9.91 -5.02 -16.19
CA LEU A 111 8.65 -5.31 -16.86
C LEU A 111 8.84 -5.33 -18.37
N ASP A 112 7.94 -6.06 -19.03
CA ASP A 112 7.90 -6.15 -20.48
C ASP A 112 7.07 -4.95 -20.95
N PRO A 113 7.67 -4.00 -21.70
CA PRO A 113 6.88 -2.87 -22.16
C PRO A 113 5.78 -3.20 -23.16
N HIS A 114 5.81 -4.38 -23.76
CA HIS A 114 4.81 -4.76 -24.75
C HIS A 114 3.82 -5.84 -24.26
N ALA A 115 3.95 -6.21 -22.99
CA ALA A 115 3.02 -7.14 -22.34
C ALA A 115 1.55 -6.74 -22.51
N GLU A 116 0.72 -7.70 -22.92
CA GLU A 116 -0.72 -7.51 -23.11
CA GLU A 116 -0.71 -7.49 -23.10
C GLU A 116 -1.41 -8.07 -21.87
N PRO A 117 -2.24 -7.26 -21.19
CA PRO A 117 -2.91 -7.82 -20.02
C PRO A 117 -3.79 -9.05 -20.34
N ARG A 118 -3.85 -9.94 -19.37
CA ARG A 118 -4.71 -11.10 -19.43
C ARG A 118 -6.09 -10.65 -19.01
N TYR A 119 -6.12 -9.66 -18.11
CA TYR A 119 -7.34 -9.02 -17.67
C TYR A 119 -7.05 -7.57 -17.30
N ALA A 120 -7.97 -6.68 -17.66
CA ALA A 120 -7.83 -5.28 -17.36
C ALA A 120 -9.22 -4.67 -17.23
N ALA A 121 -9.53 -4.18 -16.04
CA ALA A 121 -10.74 -3.40 -15.83
C ALA A 121 -10.59 -2.14 -16.69
N PRO A 122 -11.71 -1.62 -17.22
CA PRO A 122 -11.63 -0.41 -18.06
C PRO A 122 -11.24 0.84 -17.26
N GLN A 123 -10.61 1.79 -17.94
CA GLN A 123 -10.33 3.08 -17.31
C GLN A 123 -11.68 3.74 -17.08
N PRO A 124 -11.88 4.36 -15.91
CA PRO A 124 -13.14 5.08 -15.70
C PRO A 124 -13.26 6.27 -16.67
N ALA A 125 -14.49 6.65 -17.01
CA ALA A 125 -14.71 7.76 -17.93
C ALA A 125 -14.19 9.06 -17.37
N ILE A 126 -13.20 9.63 -18.07
CA ILE A 126 -12.65 10.95 -17.74
C ILE A 126 -12.75 11.81 -19.00
N PRO A 127 -13.27 13.04 -18.87
CA PRO A 127 -13.37 13.93 -20.02
C PRO A 127 -12.02 14.18 -20.66
N PRO A 128 -11.98 14.43 -21.98
CA PRO A 128 -10.71 14.76 -22.63
C PRO A 128 -10.00 15.93 -21.97
N GLN A 129 -8.68 15.95 -22.07
CA GLN A 129 -7.87 17.00 -21.47
C GLN A 129 -8.31 18.41 -21.91
N HIS A 130 -8.76 18.54 -23.17
CA HIS A 130 -9.18 19.85 -23.70
C HIS A 130 -10.47 20.34 -23.04
N GLN A 131 -11.32 19.43 -22.56
CA GLN A 131 -12.55 19.83 -21.85
C GLN A 131 -12.29 20.10 -20.37
N CYS A 132 -11.07 19.81 -19.91
CA CYS A 132 -10.70 19.99 -18.51
C CYS A 132 -10.21 21.40 -18.24
N ARG A 133 -10.18 21.76 -16.96
CA ARG A 133 -9.90 23.10 -16.51
C ARG A 133 -8.70 23.18 -15.57
N ARG A 134 -7.80 24.10 -15.86
CA ARG A 134 -6.58 24.32 -15.09
C ARG A 134 -6.69 25.65 -14.34
N VAL A 135 -6.07 25.70 -13.17
CA VAL A 135 -6.01 26.92 -12.36
C VAL A 135 -4.60 27.51 -12.49
N ASP A 136 -4.49 28.68 -13.11
CA ASP A 136 -3.17 29.31 -13.32
C ASP A 136 -2.58 29.64 -11.96
N PRO A 137 -1.39 29.06 -11.64
CA PRO A 137 -0.82 29.34 -10.33
C PRO A 137 -0.48 30.81 -10.22
N ARG A 138 -0.90 31.42 -9.12
CA ARG A 138 -0.58 32.81 -8.87
C ARG A 138 0.82 32.84 -8.27
N GLN A 139 1.37 34.03 -8.17
CA GLN A 139 2.72 34.20 -7.63
C GLN A 139 2.71 33.91 -6.13
N SER A 140 3.85 33.41 -5.67
CA SER A 140 4.03 32.97 -4.30
C SER A 140 5.43 33.36 -3.87
N HIS A 141 5.63 33.49 -2.56
CA HIS A 141 6.95 33.74 -2.00
C HIS A 141 7.78 32.46 -2.06
N LEU A 142 7.11 31.33 -2.23
CA LEU A 142 7.84 30.09 -2.36
C LEU A 142 8.74 30.24 -3.59
N PRO A 143 9.96 29.67 -3.52
CA PRO A 143 10.93 29.78 -4.62
C PRO A 143 10.37 29.33 -5.95
N ASP A 144 10.40 30.25 -6.92
CA ASP A 144 9.85 30.02 -8.26
C ASP A 144 8.39 29.57 -8.17
N ASP A 145 7.65 30.20 -7.25
CA ASP A 145 6.21 29.96 -6.97
C ASP A 145 5.87 28.57 -6.39
N GLY A 146 6.85 27.93 -5.76
CA GLY A 146 6.68 26.67 -5.06
C GLY A 146 6.02 25.51 -5.80
N PHE A 147 5.63 24.49 -5.03
CA PHE A 147 5.19 23.23 -5.62
C PHE A 147 4.17 23.36 -6.76
N LEU A 148 3.14 24.18 -6.57
CA LEU A 148 2.04 24.29 -7.54
C LEU A 148 2.48 24.66 -8.96
N ALA A 149 3.67 25.25 -9.08
CA ALA A 149 4.24 25.65 -10.39
C ALA A 149 5.15 24.58 -11.02
N ARG A 150 5.30 23.45 -10.33
CA ARG A 150 6.13 22.33 -10.80
C ARG A 150 5.35 21.31 -11.66
N VAL A 151 4.02 21.37 -11.56
CA VAL A 151 3.15 20.48 -12.28
C VAL A 151 1.95 21.21 -12.82
N ASP A 152 1.50 20.77 -13.99
CA ASP A 152 0.27 21.29 -14.60
C ASP A 152 -0.76 20.22 -14.28
N VAL A 153 -1.88 20.63 -13.69
CA VAL A 153 -2.93 19.71 -13.29
C VAL A 153 -4.24 20.21 -13.87
N ASP A 154 -4.83 19.43 -14.76
CA ASP A 154 -6.10 19.75 -15.40
C ASP A 154 -7.14 18.92 -14.72
N PHE A 155 -8.22 19.56 -14.26
CA PHE A 155 -9.29 18.88 -13.56
C PHE A 155 -10.52 18.76 -14.45
N SER A 156 -11.25 17.66 -14.34
CA SER A 156 -12.54 17.58 -14.99
C SER A 156 -13.38 18.74 -14.44
N PRO A 157 -14.43 19.16 -15.18
CA PRO A 157 -15.34 20.18 -14.68
C PRO A 157 -15.91 19.87 -13.28
N ASP A 158 -16.34 18.64 -13.06
CA ASP A 158 -16.87 18.27 -11.76
C ASP A 158 -15.81 18.36 -10.67
N SER A 159 -14.58 18.02 -11.00
CA SER A 159 -13.49 18.09 -10.01
C SER A 159 -13.17 19.54 -9.67
N TYR A 160 -13.13 20.39 -10.69
CA TYR A 160 -12.91 21.83 -10.49
C TYR A 160 -14.03 22.37 -9.61
N ALA A 161 -15.26 22.07 -9.99
CA ALA A 161 -16.43 22.53 -9.23
C ALA A 161 -16.29 22.13 -7.77
N ALA A 162 -15.78 20.92 -7.54
CA ALA A 162 -15.60 20.41 -6.18
C ALA A 162 -14.57 21.21 -5.39
N LEU A 163 -13.40 21.40 -6.00
CA LEU A 163 -12.32 22.13 -5.37
C LEU A 163 -12.67 23.60 -5.15
N ALA A 164 -13.39 24.20 -6.09
CA ALA A 164 -13.84 25.60 -6.01
C ALA A 164 -15.11 25.76 -5.18
N ARG A 165 -15.62 24.69 -4.57
CA ARG A 165 -16.80 24.74 -3.69
C ARG A 165 -18.10 25.21 -4.37
N GLU A 166 -18.15 25.24 -5.70
CA GLU A 166 -19.33 25.71 -6.45
C GLU A 166 -20.32 24.57 -6.78
N ARG A 167 -20.26 23.49 -6.00
CA ARG A 167 -21.12 22.31 -6.18
C ARG A 167 -21.08 21.42 -4.94
N THR A 168 -22.11 20.60 -4.76
CA THR A 168 -22.21 19.66 -3.63
C THR A 168 -21.21 18.49 -3.71
N VAL A 169 -20.53 18.19 -2.60
CA VAL A 169 -19.53 17.10 -2.56
C VAL A 169 -20.05 15.82 -1.87
N THR A 170 -20.85 15.03 -2.60
CA THR A 170 -21.48 13.81 -2.06
C THR A 170 -20.47 12.70 -1.79
N THR A 171 -19.66 12.38 -2.81
CA THR A 171 -18.56 11.42 -2.68
C THR A 171 -17.27 12.07 -3.16
N PRO A 172 -16.17 11.90 -2.39
CA PRO A 172 -14.89 12.50 -2.68
C PRO A 172 -14.21 11.84 -3.87
N GLU A 173 -14.06 12.58 -4.96
CA GLU A 173 -13.43 12.06 -6.16
C GLU A 173 -12.84 13.18 -7.01
N LEU A 174 -11.59 13.05 -7.41
CA LEU A 174 -11.00 14.01 -8.34
C LEU A 174 -10.46 13.24 -9.52
N CYS A 175 -10.53 13.85 -10.70
CA CYS A 175 -9.92 13.27 -11.88
C CYS A 175 -9.54 14.32 -12.90
N GLY A 176 -8.75 13.90 -13.86
CA GLY A 176 -8.23 14.81 -14.84
C GLY A 176 -6.90 14.32 -15.32
N TYR A 177 -6.03 15.26 -15.68
CA TYR A 177 -4.73 14.97 -16.22
C TYR A 177 -3.64 15.69 -15.44
N VAL A 178 -2.49 15.05 -15.32
CA VAL A 178 -1.35 15.63 -14.62
C VAL A 178 -0.06 15.35 -15.37
N ASP A 179 0.87 16.30 -15.27
CA ASP A 179 2.19 16.18 -15.90
C ASP A 179 3.08 17.24 -15.27
N LEU A 180 4.38 17.16 -15.51
CA LEU A 180 5.30 18.23 -15.17
C LEU A 180 4.87 19.52 -15.89
N SER A 181 5.14 20.67 -15.28
CA SER A 181 4.66 21.94 -15.83
C SER A 181 5.37 22.36 -17.15
N ALA A 182 4.60 23.04 -17.98
CA ALA A 182 5.10 23.66 -19.21
C ALA A 182 6.21 24.61 -18.81
N ARG A 183 5.95 25.42 -17.79
CA ARG A 183 6.90 26.39 -17.23
C ARG A 183 8.30 25.83 -16.96
N ASP A 184 8.37 24.62 -16.41
CA ASP A 184 9.63 24.00 -16.02
C ASP A 184 10.29 23.21 -17.14
N GLY A 185 9.64 23.15 -18.30
CA GLY A 185 10.23 22.47 -19.45
C GLY A 185 9.40 21.40 -20.17
N GLY A 186 8.09 21.37 -19.94
CA GLY A 186 7.20 20.46 -20.66
C GLY A 186 7.10 19.07 -20.03
N SER A 187 6.39 18.20 -20.74
CA SER A 187 6.17 16.81 -20.31
C SER A 187 7.44 16.07 -19.90
N ALA A 188 7.29 15.20 -18.92
CA ALA A 188 8.38 14.34 -18.45
C ALA A 188 9.08 13.60 -19.59
N LYS A 189 10.40 13.66 -19.62
CA LYS A 189 11.18 12.87 -20.60
C LYS A 189 11.10 11.39 -20.26
N ASP A 190 11.33 11.07 -18.98
CA ASP A 190 11.21 9.70 -18.49
C ASP A 190 10.01 9.58 -17.54
N PRO A 191 8.85 9.19 -18.08
CA PRO A 191 7.63 9.01 -17.30
C PRO A 191 7.81 8.20 -16.01
N LEU A 192 8.63 7.17 -16.08
CA LEU A 192 8.80 6.25 -14.95
C LEU A 192 9.43 6.95 -13.79
N ALA A 193 10.33 7.88 -14.09
CA ALA A 193 11.01 8.68 -13.08
C ALA A 193 10.03 9.61 -12.38
N PHE A 194 8.99 10.02 -13.11
CA PHE A 194 8.01 11.02 -12.65
C PHE A 194 6.82 10.40 -11.89
N LEU A 195 6.56 9.11 -12.09
CA LEU A 195 5.43 8.45 -11.41
C LEU A 195 5.42 8.66 -9.89
N PRO A 196 6.57 8.47 -9.21
CA PRO A 196 6.58 8.68 -7.76
C PRO A 196 6.19 10.09 -7.30
N LEU A 197 6.48 11.10 -8.12
CA LEU A 197 6.01 12.46 -7.85
C LEU A 197 4.53 12.59 -8.22
N ALA A 198 4.17 12.08 -9.38
CA ALA A 198 2.80 12.14 -9.90
C ALA A 198 1.78 11.62 -8.90
N VAL A 199 2.06 10.50 -8.25
CA VAL A 199 1.10 9.89 -7.31
C VAL A 199 0.81 10.80 -6.11
N ASP A 200 1.72 11.75 -5.84
CA ASP A 200 1.58 12.71 -4.73
C ASP A 200 1.55 14.15 -5.24
N ALA A 201 1.19 14.35 -6.50
CA ALA A 201 1.20 15.70 -7.07
C ALA A 201 -0.18 16.36 -7.16
N LEU A 202 -1.18 15.76 -6.50
CA LEU A 202 -2.56 16.27 -6.59
C LEU A 202 -3.06 16.86 -5.27
N PRO A 203 -4.17 17.63 -5.31
CA PRO A 203 -4.72 18.19 -4.07
C PRO A 203 -5.07 17.08 -3.11
N PRO A 204 -4.67 17.20 -1.85
CA PRO A 204 -5.07 16.18 -0.88
C PRO A 204 -6.59 15.97 -0.91
N ILE A 205 -7.01 14.72 -1.07
CA ILE A 205 -8.42 14.36 -1.20
C ILE A 205 -9.27 14.75 0.04
N VAL A 206 -8.61 14.83 1.19
CA VAL A 206 -9.28 15.16 2.42
C VAL A 206 -9.88 16.57 2.41
N SER A 207 -9.33 17.46 1.59
CA SER A 207 -9.78 18.82 1.50
C SER A 207 -11.25 18.86 1.08
N LEU A 208 -11.71 17.84 0.36
CA LEU A 208 -13.11 17.75 -0.09
C LEU A 208 -14.10 17.31 0.98
N LEU A 209 -13.60 16.94 2.17
CA LEU A 209 -14.43 16.28 3.20
C LEU A 209 -14.42 16.93 4.59
N VAL A 210 -13.24 17.27 5.12
CA VAL A 210 -13.13 18.01 6.38
C VAL A 210 -12.35 19.29 6.07
N ASP A 211 -12.22 20.19 7.03
CA ASP A 211 -11.64 21.50 6.75
C ASP A 211 -10.12 21.57 7.01
N TRP A 212 -9.40 20.61 6.43
CA TRP A 212 -7.94 20.57 6.42
C TRP A 212 -7.55 20.45 4.97
N SER A 213 -6.64 21.31 4.53
CA SER A 213 -6.23 21.33 3.14
C SER A 213 -5.07 20.40 2.82
N TRP A 214 -4.46 19.84 3.88
CA TRP A 214 -3.26 19.03 3.72
CA TRP A 214 -3.29 18.98 3.69
C TRP A 214 -3.00 18.22 4.98
N ALA A 215 -2.17 17.18 4.86
CA ALA A 215 -1.72 16.41 6.02
C ALA A 215 -0.37 15.84 5.68
N PRO A 216 0.51 15.75 6.67
CA PRO A 216 1.70 15.03 6.28
C PRO A 216 1.39 13.55 6.06
N THR A 217 1.98 12.99 5.01
CA THR A 217 1.83 11.57 4.71
C THR A 217 2.50 10.76 5.78
N VAL A 218 1.84 9.69 6.19
CA VAL A 218 2.42 8.77 7.14
C VAL A 218 3.03 7.60 6.36
N GLU A 219 2.26 7.05 5.40
CA GLU A 219 2.70 5.92 4.60
C GLU A 219 2.15 6.02 3.20
N LEU A 220 2.96 5.70 2.19
CA LEU A 220 2.50 5.59 0.81
C LEU A 220 3.18 4.38 0.19
N THR A 221 2.36 3.50 -0.39
CA THR A 221 2.80 2.40 -1.20
C THR A 221 2.16 2.53 -2.58
N TRP A 222 2.96 2.38 -3.62
CA TRP A 222 2.46 2.46 -4.98
C TRP A 222 3.09 1.39 -5.90
N HIS A 223 2.32 0.94 -6.87
CA HIS A 223 2.74 -0.15 -7.74
C HIS A 223 2.75 0.27 -9.22
N LEU A 224 3.82 -0.11 -9.91
CA LEU A 224 3.96 0.15 -11.34
C LEU A 224 3.41 -1.07 -12.05
N ARG A 225 2.42 -0.87 -12.94
CA ARG A 225 1.69 -1.97 -13.57
C ARG A 225 1.96 -2.20 -15.06
N ALA A 226 2.38 -1.13 -15.73
CA ALA A 226 2.72 -1.14 -17.15
C ALA A 226 3.72 -0.01 -17.37
N ILE A 227 4.47 -0.11 -18.46
CA ILE A 227 5.45 0.89 -18.83
C ILE A 227 4.73 1.92 -19.68
N PRO A 228 4.62 3.18 -19.20
CA PRO A 228 3.89 4.17 -19.96
C PRO A 228 4.75 4.82 -21.02
N GLU A 229 4.10 5.26 -22.09
CA GLU A 229 4.77 6.07 -23.10
C GLU A 229 4.69 7.52 -22.57
N PRO A 230 5.66 8.38 -22.92
CA PRO A 230 5.62 9.77 -22.47
C PRO A 230 4.32 10.50 -22.75
N GLY A 231 4.03 11.50 -21.91
CA GLY A 231 2.85 12.33 -22.05
C GLY A 231 2.09 12.46 -20.74
N PRO A 232 1.06 13.32 -20.74
CA PRO A 232 0.31 13.56 -19.52
C PRO A 232 -0.39 12.28 -19.05
N LEU A 233 -0.50 12.14 -17.74
CA LEU A 233 -1.19 10.99 -17.16
C LEU A 233 -2.60 11.37 -16.74
N ALA A 234 -3.56 10.51 -17.05
CA ALA A 234 -4.92 10.63 -16.52
C ALA A 234 -4.89 10.12 -15.08
N PHE A 235 -5.57 10.83 -14.16
CA PHE A 235 -5.58 10.46 -12.75
C PHE A 235 -6.98 10.39 -12.20
N ARG A 236 -7.13 9.63 -11.12
CA ARG A 236 -8.35 9.60 -10.34
C ARG A 236 -7.93 9.42 -8.91
N SER A 237 -8.51 10.26 -8.03
CA SER A 237 -8.21 10.25 -6.60
C SER A 237 -9.48 10.04 -5.80
N THR A 238 -9.46 9.10 -4.86
CA THR A 238 -10.63 8.80 -4.06
C THR A 238 -10.24 8.53 -2.62
N CYS A 239 -11.26 8.44 -1.78
CA CYS A 239 -11.10 8.23 -0.35
C CYS A 239 -12.31 7.48 0.15
N ALA A 240 -12.09 6.43 0.93
CA ALA A 240 -13.18 5.61 1.47
C ALA A 240 -13.54 5.97 2.90
N LEU A 241 -12.60 6.53 3.66
CA LEU A 241 -12.92 6.86 5.06
C LEU A 241 -12.04 7.95 5.67
N VAL A 242 -12.70 8.89 6.35
CA VAL A 242 -12.03 9.86 7.18
C VAL A 242 -12.56 9.57 8.59
N SER A 243 -11.68 9.18 9.51
CA SER A 243 -12.11 8.83 10.87
C SER A 243 -10.93 8.90 11.86
N ASP A 244 -11.16 9.56 13.00
CA ASP A 244 -10.16 9.79 14.03
C ASP A 244 -8.94 10.53 13.44
N GLY A 245 -9.20 11.45 12.52
CA GLY A 245 -8.17 12.26 11.88
C GLY A 245 -7.44 11.61 10.73
N TRP A 246 -7.66 10.32 10.55
CA TRP A 246 -7.00 9.53 9.53
C TRP A 246 -7.81 9.50 8.25
N PHE A 247 -7.13 9.55 7.11
CA PHE A 247 -7.80 9.37 5.82
C PHE A 247 -6.92 8.57 4.87
N ASP A 248 -7.59 7.90 3.93
CA ASP A 248 -6.91 7.19 2.85
C ASP A 248 -7.06 7.99 1.54
N GLU A 249 -5.97 8.14 0.80
CA GLU A 249 -5.99 8.78 -0.53
C GLU A 249 -5.52 7.76 -1.55
N ASN A 250 -6.41 7.39 -2.45
CA ASN A 250 -6.14 6.35 -3.43
C ASN A 250 -6.00 6.99 -4.79
N VAL A 251 -4.80 6.93 -5.38
CA VAL A 251 -4.56 7.55 -6.68
C VAL A 251 -4.17 6.51 -7.74
N ASP A 252 -4.92 6.48 -8.83
CA ASP A 252 -4.59 5.61 -9.95
C ASP A 252 -4.21 6.51 -11.12
N LEU A 253 -3.22 6.06 -11.90
CA LEU A 253 -2.77 6.79 -13.07
C LEU A 253 -2.82 5.89 -14.31
N TRP A 254 -3.34 6.46 -15.40
CA TRP A 254 -3.38 5.81 -16.71
C TRP A 254 -2.61 6.66 -17.70
N ASP A 255 -2.15 6.01 -18.77
CA ASP A 255 -1.41 6.72 -19.81
C ASP A 255 -2.34 7.20 -20.93
N ALA A 256 -1.75 7.88 -21.90
CA ALA A 256 -2.45 8.36 -23.10
C ALA A 256 -3.32 7.29 -23.75
N ARG A 257 -2.87 6.04 -23.69
CA ARG A 257 -3.56 4.91 -24.33
C ARG A 257 -4.63 4.28 -23.48
N GLY A 258 -4.81 4.79 -22.26
CA GLY A 258 -5.78 4.22 -21.32
C GLY A 258 -5.28 3.00 -20.56
N ARG A 259 -3.95 2.82 -20.52
CA ARG A 259 -3.36 1.67 -19.83
C ARG A 259 -3.02 2.05 -18.40
N LEU A 260 -3.54 1.29 -17.46
CA LEU A 260 -3.24 1.53 -16.05
C LEU A 260 -1.73 1.35 -15.85
N VAL A 261 -1.08 2.39 -15.31
CA VAL A 261 0.36 2.36 -15.07
C VAL A 261 0.75 2.44 -13.59
N ALA A 262 -0.06 3.09 -12.75
CA ALA A 262 0.22 3.27 -11.30
C ALA A 262 -1.02 3.12 -10.44
N GLN A 263 -0.86 2.45 -9.29
CA GLN A 263 -1.91 2.30 -8.26
C GLN A 263 -1.22 2.66 -6.95
N SER A 264 -1.72 3.71 -6.32
CA SER A 264 -1.11 4.28 -5.13
C SER A 264 -2.17 4.41 -4.05
N ARG A 265 -1.80 4.10 -2.83
CA ARG A 265 -2.64 4.41 -1.69
C ARG A 265 -1.70 5.01 -0.62
N GLN A 266 -2.04 6.19 -0.11
CA GLN A 266 -1.34 6.72 1.08
C GLN A 266 -2.31 6.85 2.27
N LEU A 267 -1.74 6.81 3.48
CA LEU A 267 -2.47 7.05 4.72
C LEU A 267 -1.84 8.22 5.45
N ALA A 268 -2.67 9.16 5.91
CA ALA A 268 -2.16 10.34 6.61
C ALA A 268 -3.15 10.77 7.69
N ARG A 269 -2.61 11.41 8.74
CA ARG A 269 -3.45 11.96 9.78
C ARG A 269 -3.36 13.47 9.86
N VAL A 270 -4.54 14.08 9.66
CA VAL A 270 -4.79 15.50 9.87
C VAL A 270 -4.26 16.05 11.20
N GLY A 271 -3.86 17.32 11.21
CA GLY A 271 -3.42 17.98 12.44
C GLY A 271 -2.07 17.59 13.02
N ARG A 272 -1.19 17.05 12.16
CA ARG A 272 0.18 16.68 12.52
C ARG A 272 1.16 17.56 11.74
N GLY B 1 -17.90 -28.19 26.74
CA GLY B 1 -17.44 -26.76 26.77
C GLY B 1 -16.57 -26.38 25.58
N MSE B 2 -15.71 -25.38 25.77
CA MSE B 2 -14.82 -24.89 24.72
C MSE B 2 -13.44 -24.69 25.27
O MSE B 2 -13.26 -24.52 26.48
CB MSE B 2 -15.27 -23.55 24.16
CG MSE B 2 -16.70 -23.51 23.61
SE MSE B 2 -17.29 -21.68 23.29
CE MSE B 2 -16.30 -21.17 21.60
N VAL B 3 -12.47 -24.70 24.38
CA VAL B 3 -11.08 -24.39 24.70
C VAL B 3 -11.01 -22.92 25.10
N PRO B 4 -10.24 -22.59 26.16
CA PRO B 4 -10.13 -21.23 26.65
C PRO B 4 -9.35 -20.29 25.71
N MSE B 5 -8.61 -20.85 24.77
CA MSE B 5 -7.90 -20.05 23.77
C MSE B 5 -7.84 -20.78 22.43
O MSE B 5 -8.02 -22.00 22.35
CB MSE B 5 -6.50 -19.71 24.27
CG MSE B 5 -5.66 -20.92 24.69
SE MSE B 5 -4.57 -20.48 26.26
CE MSE B 5 -5.89 -20.55 27.69
N THR B 6 -7.58 -20.02 21.38
CA THR B 6 -7.58 -20.59 20.04
C THR B 6 -6.18 -21.05 19.69
N ARG B 7 -6.12 -21.89 18.66
CA ARG B 7 -4.85 -22.33 18.10
C ARG B 7 -4.00 -21.13 17.69
N PHE B 8 -4.65 -20.19 17.02
CA PHE B 8 -4.03 -18.96 16.59
C PHE B 8 -3.32 -18.23 17.74
N ASP B 9 -3.96 -18.16 18.90
CA ASP B 9 -3.42 -17.47 20.07
C ASP B 9 -2.05 -18.06 20.46
N SER B 10 -1.96 -19.39 20.46
CA SER B 10 -0.72 -20.10 20.80
C SER B 10 0.30 -20.09 19.67
N ALA B 11 -0.18 -20.36 18.47
CA ALA B 11 0.67 -20.45 17.30
C ALA B 11 1.38 -19.14 16.98
N THR B 12 0.75 -18.01 17.30
CA THR B 12 1.31 -16.70 16.89
C THR B 12 1.99 -15.90 17.98
N GLU B 13 2.24 -16.50 19.15
CA GLU B 13 2.94 -15.76 20.19
C GLU B 13 4.45 -15.73 19.95
N VAL B 14 5.06 -14.62 20.35
CA VAL B 14 6.48 -14.35 20.16
C VAL B 14 7.13 -14.14 21.52
N VAL B 15 8.34 -14.68 21.68
CA VAL B 15 9.07 -14.55 22.94
C VAL B 15 10.25 -13.62 22.75
N ARG B 16 10.43 -12.67 23.67
CA ARG B 16 11.59 -11.78 23.63
C ARG B 16 12.81 -12.53 24.15
N VAL B 17 13.79 -12.70 23.29
CA VAL B 17 15.00 -13.44 23.65
C VAL B 17 16.17 -12.51 23.92
N GLY B 18 15.99 -11.23 23.64
CA GLY B 18 17.04 -10.21 23.85
C GLY B 18 16.58 -8.85 23.38
N GLU B 19 17.50 -7.90 23.34
CA GLU B 19 17.22 -6.53 22.89
C GLU B 19 16.96 -6.51 21.39
N ASN B 20 15.73 -6.12 21.02
CA ASN B 20 15.30 -6.08 19.62
C ASN B 20 15.39 -7.44 18.94
N ARG B 21 15.15 -8.50 19.72
CA ARG B 21 15.31 -9.88 19.28
C ARG B 21 14.23 -10.73 19.87
N TYR B 22 13.49 -11.42 19.01
CA TYR B 22 12.37 -12.29 19.40
C TYR B 22 12.47 -13.66 18.73
N ALA B 23 11.95 -14.69 19.43
CA ALA B 23 11.89 -16.04 18.87
C ALA B 23 10.42 -16.39 18.62
N VAL B 24 10.21 -17.22 17.61
CA VAL B 24 8.86 -17.66 17.28
C VAL B 24 8.89 -19.05 16.63
N GLU B 25 7.85 -19.84 16.85
CA GLU B 25 7.67 -21.16 16.29
C GLU B 25 6.65 -21.06 15.19
N LEU B 26 7.01 -21.42 13.96
CA LEU B 26 6.03 -21.36 12.87
C LEU B 26 5.24 -22.66 12.85
N ASP B 27 3.93 -22.54 12.98
CA ASP B 27 3.04 -23.68 13.07
C ASP B 27 2.78 -24.26 11.69
N PRO B 28 3.14 -25.53 11.46
CA PRO B 28 2.96 -26.15 10.13
C PRO B 28 1.50 -26.24 9.70
N GLY B 29 0.59 -26.13 10.65
CA GLY B 29 -0.84 -26.06 10.37
C GLY B 29 -1.18 -24.89 9.46
N TYR B 30 -0.27 -23.91 9.35
CA TYR B 30 -0.49 -22.73 8.49
C TYR B 30 0.21 -22.80 7.15
N LEU B 31 0.64 -23.99 6.77
CA LEU B 31 1.32 -24.19 5.48
C LEU B 31 0.33 -24.23 4.31
N ILE B 32 0.70 -23.56 3.23
CA ILE B 32 0.00 -23.68 1.96
C ILE B 32 1.02 -24.35 1.04
N GLY B 33 1.19 -25.65 1.19
CA GLY B 33 2.19 -26.39 0.41
C GLY B 33 3.37 -26.53 1.32
N THR B 34 4.55 -26.12 0.84
CA THR B 34 5.78 -26.07 1.64
C THR B 34 6.01 -24.71 2.31
N ALA B 35 5.26 -23.68 1.91
CA ALA B 35 5.51 -22.32 2.42
C ALA B 35 4.43 -21.85 3.36
N MSE B 36 4.85 -21.27 4.49
CA MSE B 36 3.92 -20.72 5.48
C MSE B 36 3.13 -19.62 4.84
O MSE B 36 3.68 -18.87 4.05
CB MSE B 36 4.69 -20.10 6.63
CG MSE B 36 5.36 -21.09 7.47
SE MSE B 36 4.08 -22.06 8.48
CE MSE B 36 5.05 -23.54 8.74
N ASN B 37 1.85 -19.54 5.19
CA ASN B 37 0.98 -18.47 4.75
C ASN B 37 1.55 -17.10 5.18
N GLY B 38 1.50 -16.12 4.26
CA GLY B 38 2.04 -14.78 4.48
C GLY B 38 1.41 -13.98 5.61
N GLY B 39 0.10 -14.09 5.76
CA GLY B 39 -0.63 -13.41 6.84
C GLY B 39 -0.22 -13.88 8.23
N TYR B 40 0.02 -15.17 8.36
CA TYR B 40 0.51 -15.75 9.61
C TYR B 40 1.89 -15.15 9.95
N LEU B 41 2.76 -15.05 8.94
CA LEU B 41 4.08 -14.41 9.10
C LEU B 41 3.94 -12.93 9.48
N MSE B 42 2.94 -12.24 8.92
CA MSE B 42 2.66 -10.84 9.29
C MSE B 42 2.16 -10.69 10.72
O MSE B 42 2.52 -9.73 11.39
CB MSE B 42 1.64 -10.21 8.35
CG MSE B 42 2.25 -9.88 6.98
SE MSE B 42 0.93 -9.50 5.60
CE MSE B 42 -0.12 -8.27 6.55
N THR B 43 1.34 -11.64 11.18
CA THR B 43 0.77 -11.59 12.52
C THR B 43 1.91 -11.60 13.54
N VAL B 44 2.88 -12.45 13.29
CA VAL B 44 4.02 -12.62 14.17
C VAL B 44 4.91 -11.40 14.15
N LEU B 45 5.07 -10.76 12.99
CA LEU B 45 5.89 -9.54 12.93
C LEU B 45 5.19 -8.38 13.63
N GLN B 46 3.88 -8.28 13.45
CA GLN B 46 3.09 -7.25 14.09
C GLN B 46 3.19 -7.34 15.60
N ARG B 47 3.17 -8.55 16.13
CA ARG B 47 3.37 -8.73 17.57
C ARG B 47 4.71 -8.15 17.99
N SER B 48 5.78 -8.49 17.26
CA SER B 48 7.10 -8.00 17.64
C SER B 48 7.18 -6.47 17.58
N ALA B 49 6.50 -5.89 16.59
CA ALA B 49 6.50 -4.44 16.39
C ALA B 49 5.81 -3.71 17.53
N LEU B 50 4.62 -4.16 17.91
CA LEU B 50 3.85 -3.54 18.98
C LEU B 50 4.51 -3.70 20.36
N ALA B 51 5.26 -4.79 20.52
CA ALA B 51 6.02 -5.04 21.75
C ALA B 51 7.11 -4.02 21.96
N GLU B 52 7.54 -3.40 20.86
CA GLU B 52 8.56 -2.37 20.88
C GLU B 52 7.99 -0.96 20.84
N SER B 53 6.67 -0.85 20.84
CA SER B 53 6.05 0.46 20.64
C SER B 53 5.29 0.96 21.84
N ASP B 54 5.29 2.29 21.96
CA ASP B 54 4.57 2.99 23.00
C ASP B 54 3.11 3.20 22.62
N HIS B 55 2.75 2.83 21.39
CA HIS B 55 1.40 2.97 20.89
C HIS B 55 0.77 1.61 20.72
N LEU B 56 -0.57 1.57 20.70
CA LEU B 56 -1.30 0.31 20.76
C LEU B 56 -1.55 -0.39 19.45
N HIS B 57 -1.72 0.38 18.38
CA HIS B 57 -2.19 -0.19 17.11
C HIS B 57 -1.25 -0.02 15.93
N ALA B 58 -1.35 -0.97 15.03
CA ALA B 58 -0.60 -1.04 13.80
C ALA B 58 -1.46 -0.37 12.73
N VAL B 59 -1.19 0.90 12.47
CA VAL B 59 -2.07 1.68 11.61
C VAL B 59 -1.71 1.52 10.12
N SER B 60 -0.42 1.49 9.77
CA SER B 60 -0.02 1.21 8.39
C SER B 60 1.10 0.20 8.42
N SER B 61 0.89 -0.95 7.77
CA SER B 61 1.90 -1.98 7.79
C SER B 61 2.26 -2.36 6.37
N SER B 62 3.52 -2.12 6.00
CA SER B 62 4.05 -2.47 4.66
C SER B 62 5.07 -3.62 4.78
N TYR B 63 4.90 -4.66 3.97
CA TYR B 63 5.64 -5.89 4.09
C TYR B 63 6.21 -6.33 2.76
N HIS B 64 7.50 -6.70 2.75
CA HIS B 64 8.15 -7.20 1.54
C HIS B 64 8.59 -8.63 1.81
N PHE B 65 8.15 -9.54 0.94
CA PHE B 65 8.36 -10.97 1.09
C PHE B 65 9.54 -11.38 0.25
N HIS B 66 10.61 -11.78 0.91
CA HIS B 66 11.84 -12.08 0.18
C HIS B 66 11.87 -13.54 -0.23
N ARG B 67 11.57 -14.43 0.73
CA ARG B 67 11.62 -15.88 0.52
C ARG B 67 10.54 -16.57 1.31
N PRO B 68 10.18 -17.79 0.89
CA PRO B 68 9.22 -18.55 1.67
C PRO B 68 9.79 -19.13 2.96
N ALA B 69 8.96 -19.19 3.99
CA ALA B 69 9.29 -19.79 5.27
C ALA B 69 8.71 -21.21 5.38
N SER B 70 9.37 -22.02 6.18
CA SER B 70 8.90 -23.36 6.50
C SER B 70 8.55 -23.36 7.98
N SER B 71 7.91 -24.44 8.42
CA SER B 71 7.59 -24.63 9.82
C SER B 71 8.88 -24.76 10.62
N GLY B 72 8.75 -24.68 11.93
CA GLY B 72 9.89 -24.71 12.81
C GLY B 72 10.24 -23.31 13.27
N PRO B 73 11.32 -23.21 14.08
CA PRO B 73 11.77 -21.95 14.61
C PRO B 73 12.17 -20.91 13.54
N ALA B 74 12.04 -19.65 13.95
CA ALA B 74 12.42 -18.50 13.16
C ALA B 74 12.80 -17.44 14.18
N GLU B 75 13.52 -16.44 13.74
CA GLU B 75 13.96 -15.40 14.64
C GLU B 75 13.60 -14.05 14.06
N ILE B 76 13.23 -13.13 14.95
CA ILE B 76 12.77 -11.80 14.58
C ILE B 76 13.71 -10.73 15.17
N GLU B 77 14.01 -9.75 14.33
CA GLU B 77 14.92 -8.68 14.68
C GLU B 77 14.15 -7.37 14.46
N THR B 78 14.01 -6.55 15.51
CA THR B 78 13.26 -5.29 15.42
C THR B 78 14.15 -4.04 15.47
N ARG B 79 13.57 -2.90 15.06
CA ARG B 79 14.27 -1.62 15.09
C ARG B 79 13.29 -0.44 15.10
N VAL B 80 13.34 0.40 16.14
CA VAL B 80 12.48 1.58 16.19
C VAL B 80 13.10 2.63 15.28
N LEU B 81 12.33 3.06 14.29
CA LEU B 81 12.82 4.01 13.30
C LEU B 81 12.58 5.44 13.75
N LYS B 82 11.43 5.65 14.38
CA LYS B 82 10.97 6.96 14.77
C LYS B 82 10.00 6.80 15.92
N ARG B 83 10.17 7.61 16.96
CA ARG B 83 9.27 7.63 18.12
C ARG B 83 8.59 8.99 18.17
N GLY B 84 7.28 8.99 18.40
CA GLY B 84 6.52 10.22 18.40
C GLY B 84 5.32 10.17 19.33
N ARG B 85 4.75 11.35 19.57
CA ARG B 85 3.58 11.49 20.43
C ARG B 85 2.36 10.80 19.84
N THR B 86 2.26 10.78 18.51
CA THR B 86 1.12 10.25 17.77
C THR B 86 1.50 8.99 16.99
N VAL B 87 2.64 9.02 16.31
CA VAL B 87 3.11 7.90 15.52
C VAL B 87 4.53 7.40 15.96
N THR B 88 4.66 6.08 16.10
CA THR B 88 5.98 5.44 16.32
C THR B 88 6.11 4.33 15.26
N THR B 89 7.18 4.41 14.47
CA THR B 89 7.39 3.49 13.34
C THR B 89 8.43 2.47 13.66
N VAL B 90 8.08 1.20 13.51
CA VAL B 90 8.96 0.09 13.86
C VAL B 90 9.22 -0.81 12.66
N GLN B 91 10.49 -1.10 12.42
CA GLN B 91 10.88 -2.05 11.38
C GLN B 91 11.11 -3.37 12.09
N THR B 92 10.70 -4.45 11.45
CA THR B 92 10.83 -5.79 12.02
C THR B 92 11.11 -6.80 10.89
N THR B 93 12.13 -7.65 11.07
CA THR B 93 12.51 -8.61 10.03
C THR B 93 12.49 -10.05 10.56
N LEU B 94 12.02 -10.98 9.72
CA LEU B 94 11.95 -12.37 10.08
C LEU B 94 13.03 -13.15 9.37
N PHE B 95 13.76 -13.96 10.16
CA PHE B 95 14.84 -14.78 9.67
C PHE B 95 14.56 -16.26 9.95
N GLN B 96 15.00 -17.12 9.03
CA GLN B 96 14.92 -18.56 9.24
C GLN B 96 16.07 -19.24 8.50
N GLU B 97 16.80 -20.10 9.19
CA GLU B 97 17.94 -20.82 8.59
C GLU B 97 18.94 -19.85 7.98
N GLY B 98 19.22 -18.76 8.71
CA GLY B 98 20.18 -17.75 8.30
C GLY B 98 19.76 -16.85 7.15
N ARG B 99 18.51 -16.96 6.69
CA ARG B 99 18.05 -16.19 5.54
C ARG B 99 16.88 -15.27 5.90
N THR B 100 16.88 -14.10 5.29
CA THR B 100 15.82 -13.12 5.47
C THR B 100 14.58 -13.61 4.75
N ILE B 101 13.50 -13.80 5.51
CA ILE B 101 12.24 -14.25 4.94
C ILE B 101 11.41 -13.07 4.49
N LEU B 102 11.13 -12.17 5.43
CA LEU B 102 10.16 -11.10 5.28
C LEU B 102 10.54 -9.89 6.11
N THR B 103 10.29 -8.69 5.59
CA THR B 103 10.52 -7.47 6.37
C THR B 103 9.30 -6.55 6.31
N GLY B 104 8.92 -6.07 7.50
CA GLY B 104 7.79 -5.17 7.65
C GLY B 104 8.22 -3.88 8.31
N THR B 105 7.56 -2.81 7.92
CA THR B 105 7.71 -1.50 8.56
C THR B 105 6.28 -1.10 8.94
N LEU B 106 6.08 -0.78 10.21
CA LEU B 106 4.76 -0.51 10.73
C LEU B 106 4.68 0.86 11.39
N ALA B 107 3.74 1.67 10.92
CA ALA B 107 3.43 2.95 11.57
C ALA B 107 2.48 2.63 12.70
N THR B 108 2.90 2.83 13.94
CA THR B 108 2.02 2.50 15.06
C THR B 108 1.47 3.75 15.70
N ALA B 109 0.20 3.68 16.10
CA ALA B 109 -0.48 4.77 16.75
C ALA B 109 -1.58 4.19 17.64
N THR B 110 -2.27 5.05 18.38
CA THR B 110 -3.38 4.64 19.23
C THR B 110 -4.68 5.26 18.69
N LEU B 111 -5.54 4.44 18.11
CA LEU B 111 -6.83 4.90 17.59
C LEU B 111 -7.89 4.98 18.69
N ASP B 112 -8.84 5.89 18.51
CA ASP B 112 -9.93 6.14 19.46
C ASP B 112 -11.06 5.16 19.18
N PRO B 113 -11.38 4.30 20.17
CA PRO B 113 -12.44 3.31 20.01
C PRO B 113 -13.83 3.92 19.75
N HIS B 114 -14.06 5.13 20.23
CA HIS B 114 -15.36 5.75 20.08
C HIS B 114 -15.39 6.76 18.94
N ALA B 115 -14.30 6.91 18.21
CA ALA B 115 -14.23 7.89 17.13
C ALA B 115 -15.22 7.45 16.09
N GLU B 116 -15.96 8.40 15.54
CA GLU B 116 -16.90 8.07 14.48
C GLU B 116 -16.52 8.80 13.20
N PRO B 117 -16.75 8.15 12.03
CA PRO B 117 -16.33 8.77 10.80
C PRO B 117 -16.96 10.13 10.50
N ARG B 118 -16.12 11.04 10.02
CA ARG B 118 -16.54 12.32 9.52
C ARG B 118 -17.03 12.09 8.10
N TYR B 119 -16.48 11.05 7.47
CA TYR B 119 -16.93 10.59 6.15
C TYR B 119 -16.64 9.08 5.98
N ALA B 120 -17.56 8.39 5.29
CA ALA B 120 -17.46 6.94 5.05
C ALA B 120 -18.22 6.59 3.80
N ALA B 121 -17.53 5.97 2.84
CA ALA B 121 -18.20 5.41 1.67
C ALA B 121 -18.99 4.19 2.18
N PRO B 122 -20.07 3.82 1.47
CA PRO B 122 -20.94 2.72 1.97
C PRO B 122 -20.32 1.31 1.84
N GLN B 123 -20.54 0.45 2.85
CA GLN B 123 -20.12 -0.96 2.73
C GLN B 123 -20.85 -1.53 1.52
N PRO B 124 -20.16 -2.30 0.66
CA PRO B 124 -20.86 -2.89 -0.49
C PRO B 124 -21.92 -3.85 0.02
N ALA B 125 -22.97 -4.07 -0.76
CA ALA B 125 -24.01 -5.00 -0.34
C ALA B 125 -23.42 -6.40 -0.30
N ILE B 126 -23.48 -7.03 0.88
CA ILE B 126 -22.98 -8.40 1.03
C ILE B 126 -24.06 -9.21 1.74
N PRO B 127 -24.46 -10.36 1.15
CA PRO B 127 -25.49 -11.18 1.77
C PRO B 127 -25.13 -11.51 3.21
N PRO B 128 -26.13 -11.71 4.08
CA PRO B 128 -25.77 -12.11 5.44
C PRO B 128 -25.06 -13.47 5.48
N GLN B 129 -24.33 -13.71 6.57
CA GLN B 129 -23.51 -14.93 6.69
C GLN B 129 -24.33 -16.21 6.55
N HIS B 130 -25.60 -16.19 6.97
CA HIS B 130 -26.46 -17.38 6.90
C HIS B 130 -26.85 -17.75 5.46
N GLN B 131 -26.90 -16.75 4.57
CA GLN B 131 -27.16 -16.98 3.14
C GLN B 131 -25.89 -17.31 2.34
N CYS B 132 -24.73 -17.34 3.01
CA CYS B 132 -23.45 -17.60 2.34
C CYS B 132 -23.09 -19.08 2.43
N ARG B 133 -22.11 -19.48 1.64
CA ARG B 133 -21.76 -20.87 1.48
C ARG B 133 -20.27 -21.13 1.77
N ARG B 134 -20.00 -22.21 2.49
CA ARG B 134 -18.67 -22.64 2.90
C ARG B 134 -18.33 -23.96 2.22
N VAL B 135 -17.13 -24.07 1.64
CA VAL B 135 -16.71 -25.31 0.97
C VAL B 135 -16.73 -26.53 1.91
N ASP B 136 -17.50 -27.57 1.55
CA ASP B 136 -17.56 -28.83 2.30
C ASP B 136 -16.45 -29.76 1.77
N PRO B 137 -15.55 -30.26 2.66
CA PRO B 137 -14.42 -31.09 2.20
C PRO B 137 -14.64 -32.60 2.37
N ASP B 144 -6.98 -32.63 4.88
CA ASP B 144 -6.50 -31.24 4.82
C ASP B 144 -6.20 -30.70 6.22
N ASP B 145 -4.95 -30.84 6.66
CA ASP B 145 -4.50 -30.38 7.98
C ASP B 145 -3.56 -29.15 7.85
N GLY B 146 -3.70 -28.46 6.72
CA GLY B 146 -2.97 -27.25 6.40
C GLY B 146 -3.79 -25.98 6.54
N PHE B 147 -3.33 -24.95 5.87
CA PHE B 147 -3.87 -23.62 6.07
C PHE B 147 -5.37 -23.46 5.94
N LEU B 148 -5.99 -24.14 4.99
CA LEU B 148 -7.44 -23.97 4.76
C LEU B 148 -8.33 -24.42 5.94
N ALA B 149 -7.77 -25.18 6.86
CA ALA B 149 -8.50 -25.64 8.07
C ALA B 149 -8.35 -24.65 9.25
N ARG B 150 -7.50 -23.63 9.06
CA ARG B 150 -7.20 -22.62 10.09
C ARG B 150 -8.21 -21.47 10.05
N VAL B 151 -8.91 -21.35 8.92
CA VAL B 151 -9.90 -20.30 8.75
C VAL B 151 -11.22 -20.87 8.24
N ASP B 152 -12.32 -20.21 8.62
CA ASP B 152 -13.64 -20.52 8.06
C ASP B 152 -14.02 -19.35 7.16
N VAL B 153 -14.18 -19.64 5.87
CA VAL B 153 -14.43 -18.64 4.85
C VAL B 153 -15.76 -18.95 4.13
N ASP B 154 -16.74 -18.06 4.33
CA ASP B 154 -18.05 -18.16 3.72
C ASP B 154 -18.12 -17.21 2.56
N PHE B 155 -18.52 -17.73 1.40
CA PHE B 155 -18.61 -16.91 0.19
C PHE B 155 -20.05 -16.60 -0.20
N SER B 156 -20.28 -15.38 -0.69
CA SER B 156 -21.57 -15.05 -1.26
C SER B 156 -21.86 -16.12 -2.32
N PRO B 157 -23.15 -16.41 -2.55
CA PRO B 157 -23.49 -17.37 -3.59
C PRO B 157 -22.77 -17.08 -4.91
N ASP B 158 -22.76 -15.82 -5.33
CA ASP B 158 -22.05 -15.45 -6.55
C ASP B 158 -20.54 -15.70 -6.48
N SER B 159 -19.93 -15.47 -5.32
CA SER B 159 -18.50 -15.71 -5.17
C SER B 159 -18.16 -17.20 -5.20
N TYR B 160 -18.99 -18.00 -4.53
CA TYR B 160 -18.84 -19.45 -4.56
C TYR B 160 -19.00 -19.96 -5.99
N ALA B 161 -20.07 -19.53 -6.65
CA ALA B 161 -20.33 -19.89 -8.04
C ALA B 161 -19.16 -19.55 -8.93
N ALA B 162 -18.49 -18.42 -8.66
CA ALA B 162 -17.32 -18.02 -9.45
C ALA B 162 -16.15 -19.00 -9.23
N LEU B 163 -15.77 -19.19 -7.96
CA LEU B 163 -14.72 -20.15 -7.59
C LEU B 163 -14.97 -21.56 -8.13
N ALA B 164 -16.22 -22.02 -8.05
CA ALA B 164 -16.59 -23.38 -8.52
C ALA B 164 -16.67 -23.46 -10.04
N ARG B 165 -16.44 -22.33 -10.73
CA ARG B 165 -16.52 -22.23 -12.19
C ARG B 165 -17.92 -22.58 -12.73
N GLU B 166 -18.94 -22.26 -11.93
CA GLU B 166 -20.34 -22.51 -12.27
C GLU B 166 -20.98 -21.23 -12.79
N ARG B 167 -20.14 -20.24 -13.09
CA ARG B 167 -20.59 -18.92 -13.45
C ARG B 167 -19.61 -18.34 -14.45
N THR B 168 -20.10 -17.45 -15.30
CA THR B 168 -19.23 -16.75 -16.23
C THR B 168 -18.75 -15.53 -15.45
N VAL B 169 -17.44 -15.47 -15.17
CA VAL B 169 -16.87 -14.35 -14.43
C VAL B 169 -16.50 -13.23 -15.39
N THR B 170 -16.96 -12.02 -15.09
CA THR B 170 -16.64 -10.83 -15.86
C THR B 170 -15.61 -10.02 -15.05
N THR B 171 -16.07 -9.35 -14.00
CA THR B 171 -15.19 -8.60 -13.12
C THR B 171 -14.81 -9.49 -11.91
N PRO B 172 -13.51 -9.69 -11.68
CA PRO B 172 -13.03 -10.58 -10.61
C PRO B 172 -13.29 -9.98 -9.23
N GLU B 173 -14.24 -10.57 -8.52
CA GLU B 173 -14.66 -10.10 -7.22
C GLU B 173 -15.07 -11.29 -6.37
N LEU B 174 -14.72 -11.24 -5.09
CA LEU B 174 -15.15 -12.22 -4.10
C LEU B 174 -15.59 -11.47 -2.86
N CYS B 175 -16.65 -11.93 -2.22
CA CYS B 175 -17.08 -11.33 -0.96
C CYS B 175 -17.74 -12.41 -0.12
N GLY B 176 -17.85 -12.12 1.17
CA GLY B 176 -18.37 -13.07 2.13
C GLY B 176 -17.86 -12.70 3.52
N TYR B 177 -17.68 -13.70 4.38
CA TYR B 177 -17.20 -13.54 5.75
C TYR B 177 -15.99 -14.45 6.00
N VAL B 178 -15.09 -14.00 6.85
CA VAL B 178 -13.88 -14.75 7.21
C VAL B 178 -13.66 -14.65 8.71
N ASP B 179 -13.05 -15.69 9.27
CA ASP B 179 -12.75 -15.77 10.71
C ASP B 179 -11.87 -16.97 10.93
N LEU B 180 -11.25 -17.02 12.11
CA LEU B 180 -10.50 -18.19 12.55
C LEU B 180 -11.48 -19.36 12.66
N SER B 181 -11.02 -20.58 12.35
CA SER B 181 -11.93 -21.74 12.26
C SER B 181 -12.53 -22.25 13.58
N ALA B 182 -13.74 -22.80 13.47
CA ALA B 182 -14.41 -23.46 14.57
C ALA B 182 -13.50 -24.58 15.07
N ARG B 183 -12.94 -25.31 14.11
CA ARG B 183 -12.00 -26.41 14.42
C ARG B 183 -10.85 -26.01 15.34
N ASP B 184 -10.33 -24.81 15.16
CA ASP B 184 -9.19 -24.29 15.91
C ASP B 184 -9.56 -23.58 17.22
N GLY B 185 -10.86 -23.44 17.51
CA GLY B 185 -11.31 -22.79 18.74
C GLY B 185 -12.35 -21.70 18.57
N GLY B 186 -12.83 -21.47 17.35
CA GLY B 186 -13.83 -20.43 17.09
C GLY B 186 -13.30 -19.05 16.74
N SER B 187 -14.20 -18.09 16.78
CA SER B 187 -13.93 -16.71 16.44
C SER B 187 -12.74 -16.13 17.22
N ALA B 188 -11.94 -15.32 16.53
CA ALA B 188 -10.77 -14.66 17.09
C ALA B 188 -11.10 -13.92 18.38
N LYS B 189 -10.29 -14.09 19.42
CA LYS B 189 -10.53 -13.46 20.71
C LYS B 189 -9.93 -12.04 20.79
N ASP B 190 -8.89 -11.79 19.99
CA ASP B 190 -8.33 -10.46 19.78
C ASP B 190 -8.35 -10.20 18.25
N PRO B 191 -9.46 -9.67 17.71
CA PRO B 191 -9.54 -9.36 16.27
C PRO B 191 -8.42 -8.47 15.75
N LEU B 192 -7.90 -7.58 16.57
CA LEU B 192 -6.79 -6.71 16.16
C LEU B 192 -5.55 -7.53 15.82
N ALA B 193 -5.31 -8.62 16.55
CA ALA B 193 -4.16 -9.48 16.24
C ALA B 193 -4.42 -10.34 15.02
N PHE B 194 -5.69 -10.60 14.73
CA PHE B 194 -6.11 -11.46 13.62
C PHE B 194 -6.13 -10.75 12.26
N LEU B 195 -6.30 -9.43 12.24
CA LEU B 195 -6.36 -8.67 10.96
C LEU B 195 -5.19 -8.91 9.97
N PRO B 196 -3.94 -8.92 10.45
CA PRO B 196 -2.85 -9.22 9.49
C PRO B 196 -2.97 -10.63 8.83
N LEU B 197 -3.55 -11.58 9.52
CA LEU B 197 -3.81 -12.89 8.91
C LEU B 197 -5.05 -12.79 7.99
N ALA B 198 -6.14 -12.23 8.50
CA ALA B 198 -7.37 -12.07 7.71
C ALA B 198 -7.14 -11.50 6.28
N VAL B 199 -6.34 -10.45 6.16
CA VAL B 199 -6.16 -9.77 4.85
C VAL B 199 -5.51 -10.67 3.81
N ASP B 200 -4.82 -11.69 4.28
CA ASP B 200 -4.17 -12.66 3.40
C ASP B 200 -4.68 -14.09 3.60
N ALA B 201 -5.95 -14.26 4.01
CA ALA B 201 -6.52 -15.58 4.31
C ALA B 201 -7.55 -16.06 3.28
N LEU B 202 -7.63 -15.36 2.16
CA LEU B 202 -8.64 -15.68 1.16
C LEU B 202 -8.01 -16.34 -0.05
N PRO B 203 -8.83 -16.99 -0.91
CA PRO B 203 -8.23 -17.54 -2.11
C PRO B 203 -7.65 -16.39 -2.92
N PRO B 204 -6.53 -16.61 -3.60
CA PRO B 204 -6.05 -15.56 -4.46
C PRO B 204 -7.07 -15.14 -5.52
N ILE B 205 -7.27 -13.84 -5.64
CA ILE B 205 -8.26 -13.30 -6.58
C ILE B 205 -7.96 -13.70 -8.02
N VAL B 206 -6.69 -13.95 -8.33
CA VAL B 206 -6.30 -14.30 -9.69
C VAL B 206 -6.86 -15.67 -10.13
N SER B 207 -7.31 -16.48 -9.17
CA SER B 207 -7.93 -17.78 -9.47
C SER B 207 -9.11 -17.60 -10.41
N LEU B 208 -9.82 -16.48 -10.26
CA LEU B 208 -11.00 -16.26 -11.08
C LEU B 208 -10.66 -15.94 -12.53
N LEU B 209 -9.44 -15.50 -12.80
CA LEU B 209 -9.08 -15.04 -14.15
C LEU B 209 -8.20 -16.02 -14.91
N VAL B 210 -7.46 -16.86 -14.19
CA VAL B 210 -6.47 -17.73 -14.81
C VAL B 210 -6.25 -18.97 -13.95
N ASP B 211 -5.79 -20.04 -14.59
CA ASP B 211 -5.31 -21.20 -13.85
C ASP B 211 -3.89 -20.82 -13.50
N TRP B 212 -3.42 -21.31 -12.35
CA TRP B 212 -2.14 -20.91 -11.85
C TRP B 212 -1.65 -21.96 -10.89
N SER B 213 -0.33 -22.12 -10.85
CA SER B 213 0.34 -23.08 -9.97
C SER B 213 1.12 -22.38 -8.88
N TRP B 214 1.48 -21.11 -9.11
CA TRP B 214 2.15 -20.30 -8.08
CA TRP B 214 2.17 -20.31 -8.09
C TRP B 214 1.66 -18.86 -8.14
N ALA B 215 1.42 -18.28 -6.96
CA ALA B 215 0.96 -16.89 -6.86
C ALA B 215 1.50 -16.23 -5.57
N PRO B 216 2.84 -16.09 -5.49
CA PRO B 216 3.49 -15.57 -4.28
C PRO B 216 3.32 -14.06 -4.16
N THR B 217 3.09 -13.61 -2.94
CA THR B 217 2.99 -12.22 -2.63
C THR B 217 4.40 -11.63 -2.76
N VAL B 218 4.49 -10.45 -3.38
CA VAL B 218 5.75 -9.72 -3.45
C VAL B 218 5.75 -8.62 -2.37
N GLU B 219 4.68 -7.84 -2.31
CA GLU B 219 4.54 -6.80 -1.31
C GLU B 219 3.07 -6.67 -0.91
N LEU B 220 2.82 -6.48 0.39
CA LEU B 220 1.48 -6.22 0.90
C LEU B 220 1.56 -5.05 1.86
N THR B 221 0.64 -4.08 1.69
CA THR B 221 0.48 -2.96 2.63
C THR B 221 -0.96 -2.92 3.05
N TRP B 222 -1.22 -2.80 4.35
CA TRP B 222 -2.61 -2.73 4.82
C TRP B 222 -2.74 -1.71 5.91
N HIS B 223 -3.92 -1.11 6.02
CA HIS B 223 -4.14 -0.04 6.97
C HIS B 223 -5.30 -0.35 7.88
N LEU B 224 -5.13 -0.04 9.17
CA LEU B 224 -6.14 -0.22 10.21
C LEU B 224 -6.93 1.06 10.34
N ARG B 225 -8.23 0.98 10.07
CA ARG B 225 -9.08 2.19 9.95
C ARG B 225 -10.00 2.45 11.15
N ALA B 226 -10.34 1.41 11.91
CA ALA B 226 -11.16 1.52 13.12
C ALA B 226 -10.91 0.25 13.94
N ILE B 227 -11.13 0.33 15.25
CA ILE B 227 -10.96 -0.82 16.16
C ILE B 227 -12.17 -1.75 15.91
N PRO B 228 -11.91 -2.99 15.50
CA PRO B 228 -13.07 -3.86 15.22
C PRO B 228 -13.63 -4.51 16.47
N GLU B 229 -14.95 -4.64 16.49
CA GLU B 229 -15.63 -5.44 17.47
C GLU B 229 -15.46 -6.90 17.07
N PRO B 230 -15.39 -7.81 18.07
CA PRO B 230 -15.13 -9.25 17.81
C PRO B 230 -16.17 -9.90 16.91
N GLY B 231 -15.75 -10.92 16.17
CA GLY B 231 -16.65 -11.62 15.27
C GLY B 231 -16.14 -11.75 13.85
N PRO B 232 -16.85 -12.54 13.04
CA PRO B 232 -16.45 -12.75 11.66
C PRO B 232 -16.41 -11.45 10.89
N LEU B 233 -15.43 -11.32 10.00
CA LEU B 233 -15.24 -10.08 9.23
C LEU B 233 -15.85 -10.21 7.83
N ALA B 234 -16.60 -9.22 7.41
CA ALA B 234 -17.11 -9.19 6.06
C ALA B 234 -15.90 -8.77 5.21
N PHE B 235 -15.72 -9.39 4.04
CA PHE B 235 -14.62 -9.07 3.14
C PHE B 235 -15.10 -8.91 1.72
N ARG B 236 -14.28 -8.20 0.93
CA ARG B 236 -14.45 -8.05 -0.49
C ARG B 236 -13.06 -7.99 -1.11
N SER B 237 -12.84 -8.80 -2.13
CA SER B 237 -11.54 -8.89 -2.80
C SER B 237 -11.71 -8.61 -4.28
N THR B 238 -10.90 -7.69 -4.79
CA THR B 238 -10.99 -7.24 -6.17
C THR B 238 -9.60 -7.13 -6.79
N CYS B 239 -9.60 -6.91 -8.09
CA CYS B 239 -8.37 -6.89 -8.87
C CYS B 239 -8.61 -6.12 -10.16
N ALA B 240 -7.73 -5.18 -10.46
CA ALA B 240 -7.91 -4.25 -11.59
C ALA B 240 -7.11 -4.62 -12.84
N LEU B 241 -5.99 -5.32 -12.66
CA LEU B 241 -5.13 -5.74 -13.75
C LEU B 241 -4.31 -7.02 -13.48
N VAL B 242 -4.31 -7.93 -14.45
CA VAL B 242 -3.43 -9.09 -14.42
C VAL B 242 -2.64 -8.97 -15.70
N SER B 243 -1.34 -8.70 -15.59
CA SER B 243 -0.51 -8.44 -16.76
C SER B 243 0.98 -8.70 -16.50
N ASP B 244 1.64 -9.28 -17.51
CA ASP B 244 3.06 -9.59 -17.48
C ASP B 244 3.42 -10.41 -16.22
N GLY B 245 2.51 -11.27 -15.82
CA GLY B 245 2.73 -12.16 -14.68
C GLY B 245 2.50 -11.53 -13.31
N TRP B 246 1.94 -10.33 -13.25
CA TRP B 246 1.63 -9.69 -11.96
C TRP B 246 0.15 -9.40 -11.83
N PHE B 247 -0.34 -9.43 -10.59
CA PHE B 247 -1.71 -9.00 -10.33
C PHE B 247 -1.80 -8.25 -9.00
N ASP B 248 -2.81 -7.38 -8.93
CA ASP B 248 -3.14 -6.65 -7.69
C ASP B 248 -4.31 -7.36 -7.01
N GLU B 249 -4.21 -7.49 -5.68
CA GLU B 249 -5.28 -8.03 -4.87
C GLU B 249 -5.61 -7.03 -3.76
N ASN B 250 -6.84 -6.50 -3.87
CA ASN B 250 -7.31 -5.46 -2.99
C ASN B 250 -8.40 -6.04 -2.06
N VAL B 251 -8.08 -6.18 -0.77
CA VAL B 251 -9.03 -6.72 0.21
C VAL B 251 -9.49 -5.66 1.21
N ASP B 252 -10.79 -5.47 1.32
CA ASP B 252 -11.35 -4.62 2.36
C ASP B 252 -12.07 -5.47 3.39
N LEU B 253 -11.95 -5.11 4.67
CA LEU B 253 -12.60 -5.84 5.76
C LEU B 253 -13.49 -4.92 6.61
N TRP B 254 -14.72 -5.37 6.87
CA TRP B 254 -15.67 -4.67 7.72
C TRP B 254 -16.01 -5.56 8.89
N ASP B 255 -16.34 -4.95 10.01
CA ASP B 255 -16.71 -5.73 11.18
C ASP B 255 -18.25 -5.92 11.23
N ALA B 256 -18.69 -6.65 12.26
CA ALA B 256 -20.11 -6.96 12.47
C ALA B 256 -21.05 -5.76 12.38
N ARG B 257 -20.56 -4.56 12.74
CA ARG B 257 -21.36 -3.34 12.72
C ARG B 257 -21.21 -2.55 11.42
N GLY B 258 -20.59 -3.18 10.41
CA GLY B 258 -20.44 -2.56 9.08
C GLY B 258 -19.42 -1.45 8.99
N ARG B 259 -18.55 -1.40 9.98
CA ARG B 259 -17.50 -0.39 10.01
C ARG B 259 -16.31 -0.95 9.26
N LEU B 260 -15.75 -0.13 8.38
CA LEU B 260 -14.53 -0.44 7.70
C LEU B 260 -13.39 -0.45 8.74
N VAL B 261 -12.66 -1.57 8.78
CA VAL B 261 -11.58 -1.73 9.73
C VAL B 261 -10.20 -2.00 9.07
N ALA B 262 -10.19 -2.58 7.86
CA ALA B 262 -8.93 -2.87 7.14
C ALA B 262 -9.03 -2.63 5.65
N GLN B 263 -7.99 -1.99 5.12
CA GLN B 263 -7.84 -1.79 3.68
C GLN B 263 -6.46 -2.35 3.35
N SER B 264 -6.44 -3.36 2.48
CA SER B 264 -5.25 -4.07 2.11
C SER B 264 -5.08 -4.04 0.60
N ARG B 265 -3.84 -3.87 0.14
CA ARG B 265 -3.48 -4.09 -1.27
C ARG B 265 -2.17 -4.88 -1.29
N GLN B 266 -2.14 -5.98 -2.04
CA GLN B 266 -0.89 -6.71 -2.29
C GLN B 266 -0.62 -6.80 -3.78
N LEU B 267 0.66 -6.81 -4.15
CA LEU B 267 1.09 -7.05 -5.51
C LEU B 267 1.74 -8.43 -5.50
N ALA B 268 1.39 -9.27 -6.49
CA ALA B 268 1.85 -10.64 -6.53
C ALA B 268 2.17 -11.16 -7.92
N ARG B 269 3.00 -12.19 -7.95
CA ARG B 269 3.32 -12.87 -9.20
C ARG B 269 2.24 -13.92 -9.47
N VAL B 270 2.08 -14.26 -10.73
CA VAL B 270 1.20 -15.37 -11.08
C VAL B 270 1.78 -16.08 -12.28
N GLY B 271 1.71 -17.41 -12.23
CA GLY B 271 2.15 -18.23 -13.34
C GLY B 271 1.79 -19.70 -13.16
N ARG B 272 2.02 -20.44 -14.26
CA ARG B 272 1.84 -21.88 -14.38
C ARG B 272 3.20 -22.44 -14.73
S SO4 C . 13.14 14.81 16.68
O1 SO4 C . 11.97 14.96 15.81
O2 SO4 C . 12.91 15.58 17.90
O3 SO4 C . 13.33 13.40 17.05
O4 SO4 C . 14.34 15.30 16.00
CL CL D . 20.50 -11.88 -1.53
CL CL E . 4.10 22.64 4.76
CL CL F . 15.86 -15.88 -7.25
C1 EDO G . 12.77 -14.80 -7.98
O1 EDO G . 13.34 -13.47 -8.03
C2 EDO G . 13.32 -15.70 -9.12
O2 EDO G . 12.32 -16.14 -10.05
S SO4 H . 4.23 12.98 15.87
O1 SO4 H . 2.92 13.50 15.47
O2 SO4 H . 4.82 13.81 16.93
O3 SO4 H . 4.05 11.59 16.32
O4 SO4 H . 5.15 13.03 14.75
S SO4 I . 18.90 -17.92 -1.79
O1 SO4 I . 17.53 -17.99 -2.27
O2 SO4 I . 18.95 -18.26 -0.38
O3 SO4 I . 19.73 -18.87 -2.54
O4 SO4 I . 19.42 -16.57 -2.02
CL CL J . 13.54 8.81 17.30
#